data_1Y63
#
_entry.id   1Y63
#
_cell.length_a   107.116
_cell.length_b   107.116
_cell.length_c   35.216
_cell.angle_alpha   90.00
_cell.angle_beta   90.00
_cell.angle_gamma   90.00
#
_symmetry.space_group_name_H-M   'P 4 21 2'
#
loop_
_entity.id
_entity.type
_entity.pdbx_description
1 polymer 'Lmaj004144AAA protein'
2 non-polymer 'MANGANESE (II) ION'
3 non-polymer 'BROMIDE ION'
4 non-polymer 'SODIUM ION'
5 non-polymer "ADENOSINE-5'-DIPHOSPHATE"
6 water water
#
_entity_poly.entity_id   1
_entity_poly.type   'polypeptide(L)'
_entity_poly.pdbx_seq_one_letter_code
;GPGSMEQPKGINILITGTPGTGKTSMAEMIAAELDGFQHLEVGKLVKENHFYTEYDTELDTHIIEEKDEDRLLDFMEPIM
VSRGNHVVDYHSSELFPERWFHMVVVLHTSTEVLFERLTKRQYSEAKRAENMEAEIQCICEEEARDAYEDDIVLVRENDT
LEQMAATVEEIRERVEVLKVERGL
;
_entity_poly.pdbx_strand_id   A
#
loop_
_chem_comp.id
_chem_comp.type
_chem_comp.name
_chem_comp.formula
ADP non-polymer ADENOSINE-5'-DIPHOSPHATE 'C10 H15 N5 O10 P2'
BR non-polymer 'BROMIDE ION' 'Br -1'
MN non-polymer 'MANGANESE (II) ION' 'Mn 2'
NA non-polymer 'SODIUM ION' 'Na 1'
#
# COMPACT_ATOMS: atom_id res chain seq x y z
N GLU A 6 -14.11 0.33 -16.80
CA GLU A 6 -13.07 -0.29 -17.67
C GLU A 6 -12.22 -1.24 -16.84
N GLN A 7 -12.01 -2.46 -17.36
CA GLN A 7 -11.16 -3.44 -16.69
C GLN A 7 -9.71 -3.13 -16.98
N PRO A 8 -8.84 -3.29 -15.96
CA PRO A 8 -7.43 -3.05 -16.17
C PRO A 8 -6.83 -3.90 -17.28
N LYS A 9 -5.89 -3.30 -18.00
CA LYS A 9 -5.17 -3.98 -19.10
C LYS A 9 -3.92 -4.69 -18.58
N GLY A 10 -3.47 -4.38 -17.38
CA GLY A 10 -2.31 -5.05 -16.80
C GLY A 10 -2.59 -5.67 -15.46
N ILE A 11 -1.52 -6.02 -14.74
CA ILE A 11 -1.62 -6.58 -13.39
C ILE A 11 -1.35 -5.46 -12.40
N ASN A 12 -2.29 -5.27 -11.47
CA ASN A 12 -2.20 -4.20 -10.46
C ASN A 12 -2.14 -4.80 -9.06
N ILE A 13 -1.18 -4.33 -8.30
CA ILE A 13 -0.97 -4.74 -6.90
C ILE A 13 -1.09 -3.54 -5.99
N LEU A 14 -1.73 -3.71 -4.83
CA LEU A 14 -1.74 -2.72 -3.77
C LEU A 14 -0.90 -3.23 -2.63
N ILE A 15 0.03 -2.39 -2.16
CA ILE A 15 0.80 -2.62 -0.94
C ILE A 15 0.30 -1.63 0.11
N THR A 16 -0.25 -2.15 1.19
CA THR A 16 -0.81 -1.31 2.24
C THR A 16 -0.29 -1.79 3.61
N GLY A 17 -0.64 -1.08 4.68
CA GLY A 17 -0.02 -1.29 5.96
C GLY A 17 0.22 0.04 6.66
N THR A 18 0.33 -0.02 7.97
CA THR A 18 0.66 1.15 8.79
C THR A 18 1.91 1.87 8.27
N PRO A 19 1.91 3.22 8.38
CA PRO A 19 3.16 3.93 8.14
C PRO A 19 4.34 3.28 8.89
N GLY A 20 5.42 3.08 8.16
CA GLY A 20 6.66 2.53 8.67
C GLY A 20 6.80 1.01 8.46
N THR A 21 5.76 0.33 7.98
CA THR A 21 5.83 -1.12 7.75
C THR A 21 6.66 -1.59 6.56
N GLY A 22 6.97 -0.67 5.65
CA GLY A 22 7.83 -0.96 4.51
C GLY A 22 7.21 -0.91 3.14
N LYS A 23 6.08 -0.21 3.01
CA LYS A 23 5.31 -0.21 1.74
C LYS A 23 6.11 0.33 0.57
N THR A 24 6.69 1.52 0.75
CA THR A 24 7.43 2.17 -0.32
C THR A 24 8.67 1.37 -0.68
N SER A 25 9.35 0.86 0.33
CA SER A 25 10.53 0.02 0.10
C SER A 25 10.18 -1.23 -0.70
N MET A 26 9.10 -1.89 -0.32
CA MET A 26 8.67 -3.09 -1.05
C MET A 26 8.20 -2.76 -2.46
N ALA A 27 7.46 -1.68 -2.61
CA ALA A 27 6.97 -1.29 -3.93
C ALA A 27 8.16 -0.96 -4.85
N GLU A 28 9.19 -0.31 -4.31
CA GLU A 28 10.36 -0.01 -5.12
C GLU A 28 11.14 -1.26 -5.47
N MET A 29 11.19 -2.22 -4.56
CA MET A 29 11.77 -3.53 -4.91
C MET A 29 11.03 -4.22 -6.04
N ILE A 30 9.71 -4.20 -5.98
CA ILE A 30 8.90 -4.75 -7.06
C ILE A 30 9.17 -4.02 -8.37
N ALA A 31 9.16 -2.69 -8.35
CA ALA A 31 9.38 -1.92 -9.56
C ALA A 31 10.77 -2.19 -10.14
N ALA A 32 11.75 -2.43 -9.27
CA ALA A 32 13.12 -2.74 -9.71
C ALA A 32 13.34 -4.15 -10.22
N GLU A 33 12.67 -5.12 -9.61
CA GLU A 33 12.93 -6.54 -9.82
C GLU A 33 11.97 -7.24 -10.72
N LEU A 34 10.70 -6.87 -10.66
CA LEU A 34 9.66 -7.54 -11.48
C LEU A 34 9.51 -6.82 -12.82
N ASP A 35 8.93 -7.51 -13.80
CA ASP A 35 8.87 -6.98 -15.16
C ASP A 35 7.69 -6.07 -15.35
N GLY A 36 7.97 -4.84 -15.78
CA GLY A 36 6.95 -3.92 -16.24
C GLY A 36 6.08 -3.28 -15.20
N PHE A 37 6.57 -3.11 -13.96
CA PHE A 37 5.79 -2.46 -12.91
C PHE A 37 6.18 -1.00 -12.71
N GLN A 38 5.16 -0.15 -12.66
CA GLN A 38 5.27 1.27 -12.33
C GLN A 38 4.72 1.45 -10.93
N HIS A 39 5.48 2.17 -10.10
CA HIS A 39 5.13 2.46 -8.73
C HIS A 39 4.36 3.77 -8.65
N LEU A 40 3.21 3.71 -8.00
CA LEU A 40 2.41 4.92 -7.71
C LEU A 40 2.44 5.10 -6.20
N GLU A 41 3.16 6.13 -5.75
CA GLU A 41 3.25 6.46 -4.34
C GLU A 41 2.10 7.42 -4.03
N VAL A 42 1.00 6.87 -3.56
CA VAL A 42 -0.23 7.65 -3.43
C VAL A 42 -0.11 8.85 -2.48
N GLY A 43 0.66 8.70 -1.40
CA GLY A 43 0.88 9.83 -0.50
C GLY A 43 1.48 11.06 -1.21
N LYS A 44 2.37 10.82 -2.17
CA LYS A 44 2.94 11.90 -2.97
C LYS A 44 1.87 12.52 -3.86
N LEU A 45 0.99 11.70 -4.43
CA LEU A 45 -0.10 12.26 -5.24
C LEU A 45 -1.00 13.15 -4.41
N VAL A 46 -1.31 12.68 -3.21
CA VAL A 46 -2.18 13.44 -2.30
C VAL A 46 -1.56 14.80 -1.97
N LYS A 47 -0.27 14.83 -1.65
CA LYS A 47 0.46 16.08 -1.38
C LYS A 47 0.49 16.98 -2.60
N GLU A 48 0.90 16.41 -3.73
CA GLU A 48 1.15 17.21 -4.93
C GLU A 48 -0.11 17.89 -5.45
N ASN A 49 -1.25 17.20 -5.29
CA ASN A 49 -2.50 17.67 -5.84
C ASN A 49 -3.46 18.22 -4.81
N HIS A 50 -2.99 18.38 -3.57
CA HIS A 50 -3.84 18.89 -2.50
C HIS A 50 -5.15 18.06 -2.43
N PHE A 51 -5.05 16.74 -2.53
CA PHE A 51 -6.23 15.86 -2.40
C PHE A 51 -6.53 15.66 -0.91
N TYR A 52 -6.71 16.78 -0.20
CA TYR A 52 -7.04 16.75 1.24
C TYR A 52 -7.66 18.07 1.61
N THR A 53 -8.36 18.13 2.74
CA THR A 53 -9.10 19.34 3.11
C THR A 53 -8.26 20.25 4.02
N GLU A 54 -7.65 19.66 5.04
CA GLU A 54 -6.79 20.38 5.97
C GLU A 54 -5.42 19.73 6.02
N THR A 61 -1.67 17.91 4.56
CA THR A 61 -1.99 16.62 3.97
C THR A 61 -2.85 15.74 4.89
N HIS A 62 -3.49 16.36 5.89
CA HIS A 62 -4.02 15.61 7.02
C HIS A 62 -5.43 15.09 6.75
N ILE A 63 -6.44 15.97 6.84
CA ILE A 63 -7.83 15.51 6.81
C ILE A 63 -8.33 15.32 5.37
N ILE A 64 -8.76 14.10 5.08
CA ILE A 64 -9.22 13.72 3.75
C ILE A 64 -10.72 13.47 3.82
N GLU A 65 -11.47 14.28 3.08
CA GLU A 65 -12.92 14.18 3.03
C GLU A 65 -13.38 13.41 1.80
N GLU A 66 -14.68 13.18 1.70
CA GLU A 66 -15.24 12.38 0.61
C GLU A 66 -14.83 12.91 -0.76
N LYS A 67 -14.90 14.22 -0.94
CA LYS A 67 -14.59 14.84 -2.21
C LYS A 67 -13.10 14.70 -2.56
N ASP A 68 -12.25 14.71 -1.54
CA ASP A 68 -10.80 14.55 -1.72
C ASP A 68 -10.49 13.15 -2.24
N GLU A 69 -11.13 12.15 -1.66
CA GLU A 69 -11.02 10.79 -2.16
C GLU A 69 -11.47 10.69 -3.61
N ASP A 70 -12.61 11.32 -3.94
CA ASP A 70 -13.13 11.26 -5.30
C ASP A 70 -12.14 11.80 -6.31
N ARG A 71 -11.55 12.95 -5.99
CA ARG A 71 -10.57 13.58 -6.88
C ARG A 71 -9.34 12.73 -7.06
N LEU A 72 -8.86 12.12 -5.97
CA LEU A 72 -7.73 11.19 -6.05
C LEU A 72 -8.07 10.04 -7.00
N LEU A 73 -9.23 9.43 -6.83
CA LEU A 73 -9.62 8.32 -7.68
C LEU A 73 -9.74 8.70 -9.13
N ASP A 74 -10.28 9.88 -9.42
CA ASP A 74 -10.39 10.33 -10.80
C ASP A 74 -9.00 10.50 -11.42
N PHE A 75 -8.05 11.00 -10.62
CA PHE A 75 -6.66 11.17 -11.05
C PHE A 75 -6.01 9.82 -11.35
N MET A 76 -6.24 8.86 -10.46
CA MET A 76 -5.61 7.54 -10.60
C MET A 76 -6.24 6.65 -11.69
N GLU A 77 -7.55 6.81 -11.92
CA GLU A 77 -8.26 5.93 -12.81
C GLU A 77 -7.56 5.67 -14.16
N PRO A 78 -7.22 6.73 -14.92
CA PRO A 78 -6.57 6.44 -16.20
C PRO A 78 -5.26 5.67 -16.10
N ILE A 79 -4.48 5.92 -15.03
CA ILE A 79 -3.25 5.17 -14.82
C ILE A 79 -3.58 3.70 -14.57
N MET A 80 -4.57 3.47 -13.72
CA MET A 80 -4.84 2.12 -13.27
C MET A 80 -5.36 1.20 -14.35
N VAL A 81 -6.00 1.77 -15.37
CA VAL A 81 -6.55 0.97 -16.48
C VAL A 81 -5.64 0.96 -17.70
N SER A 82 -4.52 1.66 -17.60
CA SER A 82 -3.55 1.77 -18.70
C SER A 82 -2.72 0.50 -18.90
N ARG A 83 -2.07 0.38 -20.06
CA ARG A 83 -1.23 -0.79 -20.33
C ARG A 83 -0.05 -0.81 -19.36
N GLY A 84 0.41 -2.00 -19.01
CA GLY A 84 1.55 -2.19 -18.13
C GLY A 84 1.01 -2.57 -16.75
N ASN A 85 1.92 -2.89 -15.84
CA ASN A 85 1.58 -3.31 -14.49
C ASN A 85 1.87 -2.19 -13.52
N HIS A 86 1.08 -2.13 -12.47
CA HIS A 86 1.18 -1.03 -11.51
C HIS A 86 1.25 -1.57 -10.10
N VAL A 87 2.13 -0.98 -9.30
CA VAL A 87 2.21 -1.31 -7.87
C VAL A 87 1.89 -0.03 -7.11
N VAL A 88 0.75 -0.05 -6.46
CA VAL A 88 0.24 1.12 -5.75
C VAL A 88 0.61 0.97 -4.28
N ASP A 89 0.99 2.09 -3.67
CA ASP A 89 1.58 2.11 -2.34
C ASP A 89 0.80 3.13 -1.51
N TYR A 90 0.03 2.67 -0.51
CA TYR A 90 -0.77 3.60 0.33
C TYR A 90 -1.15 2.97 1.65
N HIS A 91 -1.26 3.79 2.70
CA HIS A 91 -1.57 3.31 4.04
C HIS A 91 -3.04 2.92 4.17
N SER A 92 -3.88 3.42 3.26
CA SER A 92 -5.30 3.11 3.25
C SER A 92 -5.65 2.30 2.02
N SER A 93 -6.78 1.63 2.07
CA SER A 93 -7.18 0.74 0.96
C SER A 93 -8.68 0.73 0.64
N GLU A 94 -9.54 1.05 1.60
CA GLU A 94 -10.98 0.93 1.42
C GLU A 94 -11.49 1.83 0.29
N LEU A 95 -10.82 2.96 0.10
CA LEU A 95 -11.25 3.93 -0.87
C LEU A 95 -11.18 3.49 -2.31
N PHE A 96 -10.32 2.54 -2.62
CA PHE A 96 -10.10 2.18 -4.02
C PHE A 96 -11.12 1.14 -4.47
N PRO A 97 -11.50 1.18 -5.75
CA PRO A 97 -12.40 0.17 -6.29
C PRO A 97 -11.71 -1.18 -6.41
N GLU A 98 -12.43 -2.24 -6.04
CA GLU A 98 -11.94 -3.60 -6.21
C GLU A 98 -11.61 -3.91 -7.64
N ARG A 99 -12.28 -3.27 -8.60
CA ARG A 99 -12.00 -3.43 -10.01
C ARG A 99 -10.51 -3.27 -10.37
N TRP A 100 -9.82 -2.39 -9.66
CA TRP A 100 -8.43 -2.05 -10.02
C TRP A 100 -7.45 -3.15 -9.70
N PHE A 101 -7.67 -3.91 -8.63
CA PHE A 101 -6.58 -4.70 -8.04
C PHE A 101 -6.72 -6.21 -8.18
N HIS A 102 -5.59 -6.84 -8.50
CA HIS A 102 -5.52 -8.30 -8.58
C HIS A 102 -4.87 -8.95 -7.39
N MET A 103 -4.22 -8.15 -6.55
CA MET A 103 -3.53 -8.59 -5.36
C MET A 103 -3.46 -7.42 -4.37
N VAL A 104 -3.66 -7.71 -3.09
CA VAL A 104 -3.49 -6.71 -2.04
C VAL A 104 -2.57 -7.31 -1.00
N VAL A 105 -1.46 -6.64 -0.73
CA VAL A 105 -0.47 -7.14 0.22
C VAL A 105 -0.50 -6.23 1.41
N VAL A 106 -0.75 -6.80 2.59
CA VAL A 106 -0.76 -6.02 3.84
C VAL A 106 0.50 -6.37 4.60
N LEU A 107 1.30 -5.34 4.94
CA LEU A 107 2.53 -5.50 5.68
C LEU A 107 2.32 -5.24 7.16
N HIS A 108 2.94 -6.11 7.97
CA HIS A 108 3.02 -5.95 9.41
C HIS A 108 4.46 -5.85 9.86
N THR A 109 4.68 -5.21 11.00
CA THR A 109 6.02 -5.07 11.54
C THR A 109 5.91 -5.18 13.06
N SER A 110 6.83 -5.90 13.70
CA SER A 110 6.85 -6.03 15.15
C SER A 110 6.96 -4.66 15.78
N THR A 111 6.41 -4.49 16.98
CA THR A 111 6.35 -3.15 17.57
C THR A 111 7.76 -2.55 17.77
N GLU A 112 8.71 -3.34 18.25
CA GLU A 112 10.08 -2.84 18.43
C GLU A 112 10.72 -2.34 17.14
N VAL A 113 10.54 -3.09 16.06
CA VAL A 113 11.11 -2.71 14.76
C VAL A 113 10.43 -1.47 14.23
N LEU A 114 9.10 -1.43 14.36
CA LEU A 114 8.32 -0.30 13.85
C LEU A 114 8.66 0.99 14.57
N PHE A 115 8.74 0.91 15.88
CA PHE A 115 9.09 2.10 16.67
C PHE A 115 10.41 2.71 16.21
N GLU A 116 11.40 1.86 15.95
CA GLU A 116 12.71 2.34 15.52
C GLU A 116 12.65 2.99 14.15
N ARG A 117 11.91 2.36 13.22
CA ARG A 117 11.75 2.93 11.89
C ARG A 117 11.11 4.30 11.95
N LEU A 118 10.07 4.44 12.75
CA LEU A 118 9.36 5.69 12.86
C LEU A 118 10.21 6.79 13.50
N THR A 119 11.12 6.39 14.38
CA THR A 119 12.03 7.33 15.02
C THR A 119 13.08 7.80 14.03
N LYS A 120 13.69 6.85 13.35
CA LYS A 120 14.74 7.15 12.40
C LYS A 120 14.17 7.96 11.25
N ARG A 121 12.92 7.69 10.86
CA ARG A 121 12.27 8.47 9.84
C ARG A 121 11.67 9.79 10.39
N GLN A 122 11.93 10.10 11.66
CA GLN A 122 11.63 11.41 12.26
C GLN A 122 10.15 11.82 12.39
N TYR A 123 9.26 10.86 12.61
CA TYR A 123 7.86 11.22 12.89
C TYR A 123 7.84 11.94 14.26
N SER A 124 6.90 12.87 14.49
CA SER A 124 6.74 13.50 15.83
C SER A 124 6.33 12.44 16.83
N GLU A 125 6.56 12.68 18.12
CA GLU A 125 6.26 11.63 19.10
C GLU A 125 4.78 11.26 19.06
N ALA A 126 3.89 12.24 18.84
CA ALA A 126 2.48 11.96 18.75
C ALA A 126 2.14 11.07 17.56
N LYS A 127 2.69 11.41 16.39
CA LYS A 127 2.37 10.63 15.20
C LYS A 127 2.95 9.24 15.32
N ARG A 128 4.15 9.13 15.89
CA ARG A 128 4.74 7.82 16.12
C ARG A 128 3.86 6.95 17.01
N ALA A 129 3.39 7.49 18.14
CA ALA A 129 2.52 6.72 19.03
C ALA A 129 1.20 6.33 18.39
N GLU A 130 0.60 7.26 17.64
CA GLU A 130 -0.62 6.99 16.89
C GLU A 130 -0.44 5.84 15.89
N ASN A 131 0.69 5.84 15.19
CA ASN A 131 0.96 4.77 14.25
C ASN A 131 1.24 3.45 14.96
N MET A 132 1.94 3.48 16.09
CA MET A 132 2.17 2.25 16.84
C MET A 132 0.86 1.63 17.29
N GLU A 133 -0.08 2.46 17.77
CA GLU A 133 -1.37 1.98 18.22
C GLU A 133 -2.15 1.41 17.02
N ALA A 134 -2.07 2.08 15.88
CA ALA A 134 -2.80 1.60 14.67
C ALA A 134 -2.31 0.21 14.26
N GLU A 135 -1.01 -0.04 14.40
CA GLU A 135 -0.46 -1.35 14.07
C GLU A 135 -0.92 -2.41 15.06
N ILE A 136 -0.88 -2.08 16.34
CA ILE A 136 -1.37 -3.00 17.39
C ILE A 136 -2.85 -3.34 17.20
N GLN A 137 -3.63 -2.37 16.74
CA GLN A 137 -5.08 -2.57 16.55
C GLN A 137 -5.42 -3.18 15.18
N CYS A 138 -4.40 -3.50 14.39
N CYS A 138 -4.41 -3.38 14.36
CA CYS A 138 -4.56 -4.11 13.05
CA CYS A 138 -4.58 -4.09 13.10
C CYS A 138 -5.49 -3.31 12.13
C CYS A 138 -5.47 -3.32 12.14
N ILE A 139 -5.43 -2.00 12.22
CA ILE A 139 -6.38 -1.14 11.48
C ILE A 139 -6.30 -1.38 9.98
N CYS A 140 -5.09 -1.35 9.44
N CYS A 140 -5.08 -1.35 9.47
CA CYS A 140 -4.89 -1.46 7.98
CA CYS A 140 -4.80 -1.50 8.05
C CYS A 140 -5.28 -2.85 7.46
C CYS A 140 -5.27 -2.83 7.49
N GLU A 141 -4.93 -3.89 8.21
CA GLU A 141 -5.27 -5.23 7.79
C GLU A 141 -6.78 -5.41 7.80
N GLU A 142 -7.44 -4.95 8.87
CA GLU A 142 -8.89 -5.12 8.94
C GLU A 142 -9.59 -4.37 7.82
N GLU A 143 -9.10 -3.17 7.50
CA GLU A 143 -9.66 -2.41 6.41
C GLU A 143 -9.54 -3.15 5.10
N ALA A 144 -8.35 -3.66 4.80
CA ALA A 144 -8.10 -4.38 3.53
C ALA A 144 -8.95 -5.63 3.45
N ARG A 145 -9.05 -6.38 4.55
CA ARG A 145 -9.85 -7.61 4.52
C ARG A 145 -11.32 -7.33 4.39
N ASP A 146 -11.77 -6.16 4.85
CA ASP A 146 -13.17 -5.78 4.70
C ASP A 146 -13.51 -5.33 3.29
N ALA A 147 -12.52 -4.84 2.55
CA ALA A 147 -12.71 -4.20 1.26
C ALA A 147 -12.42 -5.02 0.03
N TYR A 148 -11.69 -6.12 0.15
CA TYR A 148 -11.27 -6.90 -1.00
C TYR A 148 -11.60 -8.35 -0.72
N GLU A 149 -11.59 -9.14 -1.79
CA GLU A 149 -11.89 -10.56 -1.67
C GLU A 149 -10.74 -11.29 -0.97
N ASP A 150 -11.10 -12.17 -0.05
CA ASP A 150 -10.11 -12.77 0.83
C ASP A 150 -9.02 -13.49 0.04
N ASP A 151 -9.36 -14.08 -1.09
CA ASP A 151 -8.42 -14.85 -1.88
C ASP A 151 -7.31 -14.01 -2.54
N ILE A 152 -7.47 -12.68 -2.65
CA ILE A 152 -6.39 -11.86 -3.24
C ILE A 152 -5.56 -11.13 -2.18
N VAL A 153 -5.89 -11.32 -0.92
CA VAL A 153 -5.22 -10.60 0.17
C VAL A 153 -4.12 -11.45 0.76
N LEU A 154 -2.90 -10.89 0.76
CA LEU A 154 -1.71 -11.56 1.26
C LEU A 154 -1.24 -10.71 2.42
N VAL A 155 -1.06 -11.31 3.59
CA VAL A 155 -0.59 -10.54 4.73
C VAL A 155 0.79 -11.09 5.07
N ARG A 156 1.75 -10.21 5.31
CA ARG A 156 3.14 -10.64 5.49
C ARG A 156 3.85 -9.87 6.56
N GLU A 157 4.56 -10.59 7.43
CA GLU A 157 5.46 -9.95 8.37
C GLU A 157 6.60 -9.36 7.56
N ASN A 158 6.98 -8.14 7.90
CA ASN A 158 7.98 -7.41 7.11
C ASN A 158 8.97 -6.69 8.02
N ASP A 159 9.66 -7.47 8.86
CA ASP A 159 10.63 -6.92 9.84
C ASP A 159 12.05 -6.79 9.25
N THR A 160 12.38 -7.73 8.38
CA THR A 160 13.74 -7.87 7.80
C THR A 160 13.78 -7.85 6.27
N LEU A 161 14.97 -7.63 5.72
CA LEU A 161 15.16 -7.59 4.29
C LEU A 161 14.93 -8.96 3.67
N GLU A 162 15.34 -10.00 4.40
CA GLU A 162 15.07 -11.38 3.99
C GLU A 162 13.58 -11.62 3.84
N GLN A 163 12.80 -11.12 4.79
CA GLN A 163 11.35 -11.22 4.69
C GLN A 163 10.83 -10.47 3.48
N MET A 164 11.29 -9.24 3.27
CA MET A 164 10.86 -8.47 2.11
C MET A 164 11.13 -9.22 0.82
N ALA A 165 12.34 -9.76 0.68
CA ALA A 165 12.70 -10.43 -0.55
C ALA A 165 11.84 -11.67 -0.78
N ALA A 166 11.56 -12.42 0.28
CA ALA A 166 10.73 -13.62 0.18
C ALA A 166 9.28 -13.29 -0.19
N THR A 167 8.77 -12.19 0.36
CA THR A 167 7.46 -11.72 0.00
C THR A 167 7.43 -11.34 -1.49
N VAL A 168 8.46 -10.63 -1.95
CA VAL A 168 8.50 -10.29 -3.37
C VAL A 168 8.54 -11.52 -4.26
N GLU A 169 9.20 -12.60 -3.83
CA GLU A 169 9.25 -13.84 -4.55
C GLU A 169 7.84 -14.47 -4.61
N GLU A 170 7.13 -14.46 -3.48
CA GLU A 170 5.76 -14.95 -3.45
C GLU A 170 4.89 -14.13 -4.39
N ILE A 171 5.06 -12.81 -4.39
CA ILE A 171 4.31 -11.94 -5.31
C ILE A 171 4.62 -12.30 -6.77
N ARG A 172 5.89 -12.47 -7.08
CA ARG A 172 6.32 -12.84 -8.42
C ARG A 172 5.63 -14.13 -8.88
N GLU A 173 5.57 -15.11 -7.99
CA GLU A 173 4.94 -16.38 -8.32
C GLU A 173 3.45 -16.22 -8.60
N ARG A 174 2.78 -15.44 -7.75
CA ARG A 174 1.38 -15.16 -7.90
C ARG A 174 1.09 -14.34 -9.15
N VAL A 175 1.98 -13.41 -9.49
CA VAL A 175 1.82 -12.58 -10.67
C VAL A 175 1.91 -13.45 -11.94
N GLU A 176 2.86 -14.38 -11.95
CA GLU A 176 3.08 -15.20 -13.14
C GLU A 176 1.82 -16.00 -13.42
N VAL A 177 1.18 -16.47 -12.36
CA VAL A 177 -0.08 -17.19 -12.49
C VAL A 177 -1.14 -16.30 -13.12
N LEU A 178 -1.31 -15.10 -12.56
CA LEU A 178 -2.22 -14.12 -13.16
C LEU A 178 -1.85 -13.80 -14.61
N LYS A 179 -0.55 -13.70 -14.92
CA LYS A 179 -0.10 -13.45 -16.29
C LYS A 179 -0.28 -14.70 -17.17
MN MN B . 5.97 5.22 2.15
MN MN C . 8.70 5.33 -7.02
MN MN D . -16.78 8.94 -3.29
MN MN E . 8.56 16.44 19.92
MN MN F . -15.48 -4.17 -1.24
MN MN G . 0.61 2.19 -17.18
MN MN H . 1.58 9.44 10.21
MN MN I . -2.93 10.57 2.97
BR BR J . 1.19 6.27 2.38
BR BR K . 17.29 -6.71 7.74
BR BR L . 7.07 -10.46 -12.75
BR BR M . 4.10 8.47 -7.74
BR BR N . 5.78 8.82 12.60
NA NA O . -15.39 -0.10 6.32
NA NA P . -16.02 -6.18 9.32
PB ADP Q . 6.32 2.98 4.59
O1B ADP Q . 6.03 4.13 5.54
O2B ADP Q . 5.39 1.82 4.88
O3B ADP Q . 6.36 3.39 3.11
PA ADP Q . 9.17 2.59 4.20
O1A ADP Q . 9.25 1.72 2.95
O2A ADP Q . 9.39 4.08 4.00
O3A ADP Q . 7.79 2.37 4.96
O5' ADP Q . 10.19 2.04 5.30
O5' ADP Q . 10.21 1.98 5.28
C5' ADP Q . 10.82 2.97 6.17
C5' ADP Q . 10.28 2.47 6.62
C4' ADP Q . 12.20 2.41 6.43
C4' ADP Q . 11.72 2.24 7.12
O4' ADP Q . 12.09 1.12 7.01
O4' ADP Q . 11.96 0.84 7.28
C3' ADP Q . 13.03 2.20 5.18
C3' ADP Q . 12.77 2.72 6.13
O3' ADP Q . 13.67 3.39 4.72
O3' ADP Q . 13.87 3.26 6.84
C2' ADP Q . 14.01 1.16 5.64
C2' ADP Q . 13.20 1.48 5.40
O2' ADP Q . 15.01 1.75 6.48
O2' ADP Q . 14.56 1.51 4.97
C1' ADP Q . 13.17 0.31 6.54
C1' ADP Q . 13.04 0.39 6.45
N9 ADP Q . 12.57 -0.91 5.96
C8 ADP Q . 11.43 -1.05 5.20
N7 ADP Q . 11.18 -2.35 4.94
C5 ADP Q . 12.17 -3.07 5.57
C6 ADP Q . 12.47 -4.48 5.69
N6 ADP Q . 11.67 -5.41 5.11
N1 ADP Q . 13.56 -4.81 6.41
C2 ADP Q . 14.34 -3.86 7.00
N3 ADP Q . 14.14 -2.53 6.95
C4 ADP Q . 13.06 -2.10 6.24
#